data_6EQV
#
_entry.id   6EQV
#
_cell.length_a   131.601
_cell.length_b   131.601
_cell.length_c   155.638
_cell.angle_alpha   90.00
_cell.angle_beta   90.00
_cell.angle_gamma   120.00
#
_symmetry.space_group_name_H-M   'P 65 2 2'
#
loop_
_entity.id
_entity.type
_entity.pdbx_description
1 polymer Furin
2 polymer HY1-LLI-VAL-ARG-00S
3 non-polymer 'CALCIUM ION'
4 non-polymer 'SODIUM ION'
5 non-polymer 'CHLORIDE ION'
6 water water
#
loop_
_entity_poly.entity_id
_entity_poly.type
_entity_poly.pdbx_seq_one_letter_code
_entity_poly.pdbx_strand_id
1 'polypeptide(L)'
;DVYQEPTDPKFPQQWYLSGVTQRDLNVKAAWAQGYTGHGIVVSILDDGIEKNHPDLAGNYDPGASFDVNDQDPDPQPRYT
QMNDNRHGTRCAGEVAAVANNGVCGVGVAYNARIGGVRMLDGEVTDAVEARSLGLNPNHIHIYSASWGPEDDGKTVDGPA
RLAEEAFFRGVSQGRGGLGSIFVWASGNGGREHDSCNCDGYTNSIYTLSISSATQFGNVPWYSEACSSTLATTYSSGNQN
EKQIVTTDLRQKCTESHTGTSASAPLAAGIIALTLEANKNLTWRDMQHLVVQTSKPAHLNANDWATNGVGRKVSHSYGYG
LLDAGAMVALAQNWTTVAPQRKCIIDILTEPKDIGKRLEVRKTVTACLGEPNHITRLEHAQARLTLSYNRRGDLAIHLVS
PMGTRSTLLAARPHDYSADGFNDWAFMTTHSWDEDPSGEWVLEIENTSEANNYGTLTKFTLVLYGTASGSLVPRGSHHHH
HH
;
A
2 'polypeptide(L)' (HY1)(CIR)VR(00S) D
#
loop_
_chem_comp.id
_chem_comp.type
_chem_comp.name
_chem_comp.formula
00S non-polymer 4-(aminomethyl)benzenecarboximidamide 'C8 H11 N3'
CA non-polymer 'CALCIUM ION' 'Ca 2'
CL non-polymer 'CHLORIDE ION' 'Cl -1'
HY1 non-polymer PHENYLACETALDEHYDE 'C8 H8 O'
NA non-polymer 'SODIUM ION' 'Na 1'
#
# COMPACT_ATOMS: atom_id res chain seq x y z
N VAL A 2 -13.88 20.21 -24.15
CA VAL A 2 -12.70 21.06 -24.18
C VAL A 2 -11.43 20.23 -23.95
N TYR A 3 -11.47 19.31 -22.97
CA TYR A 3 -10.30 18.48 -22.71
C TYR A 3 -10.07 17.49 -23.85
N GLN A 4 -8.83 17.42 -24.33
CA GLN A 4 -8.44 16.48 -25.36
C GLN A 4 -7.57 15.39 -24.74
N GLU A 5 -8.02 14.15 -24.85
CA GLU A 5 -7.27 13.03 -24.30
C GLU A 5 -5.97 12.84 -25.10
N PRO A 6 -4.97 12.17 -24.51
CA PRO A 6 -3.67 12.04 -25.17
C PRO A 6 -3.78 11.33 -26.50
N THR A 7 -2.86 11.68 -27.41
CA THR A 7 -2.81 11.10 -28.75
C THR A 7 -1.70 10.07 -28.88
N ASP A 8 -1.03 9.71 -27.79
CA ASP A 8 0.11 8.80 -27.83
C ASP A 8 -0.28 7.47 -28.47
N PRO A 9 0.66 6.83 -29.19
CA PRO A 9 0.30 5.65 -30.00
C PRO A 9 -0.25 4.48 -29.21
N LYS A 10 0.21 4.26 -27.98
CA LYS A 10 -0.27 3.16 -27.16
C LYS A 10 -1.30 3.58 -26.12
N PHE A 11 -1.69 4.86 -26.09
CA PHE A 11 -2.74 5.26 -25.16
C PHE A 11 -4.04 4.48 -25.34
N PRO A 12 -4.49 4.14 -26.55
CA PRO A 12 -5.71 3.32 -26.68
C PRO A 12 -5.60 1.96 -26.03
N GLN A 13 -4.39 1.47 -25.78
CA GLN A 13 -4.19 0.19 -25.09
C GLN A 13 -4.15 0.34 -23.58
N GLN A 14 -4.22 1.55 -23.05
CA GLN A 14 -4.17 1.76 -21.60
C GLN A 14 -5.59 1.71 -21.03
N TRP A 15 -6.15 0.49 -21.11
CA TRP A 15 -7.53 0.23 -20.77
C TRP A 15 -7.86 0.60 -19.33
N TYR A 16 -6.87 0.57 -18.45
CA TYR A 16 -7.06 0.86 -17.04
C TYR A 16 -7.13 2.36 -16.76
N LEU A 17 -6.68 3.19 -17.69
CA LEU A 17 -6.78 4.63 -17.48
C LEU A 17 -8.16 5.15 -17.84
N SER A 18 -8.73 4.67 -18.93
CA SER A 18 -10.05 5.13 -19.32
C SER A 18 -10.67 4.15 -20.29
N GLY A 19 -11.99 4.14 -20.29
CA GLY A 19 -12.77 3.41 -21.23
C GLY A 19 -14.23 3.65 -20.89
N VAL A 20 -15.09 3.34 -21.86
CA VAL A 20 -16.51 3.41 -21.56
C VAL A 20 -16.96 2.19 -20.76
N THR A 21 -16.14 1.14 -20.73
CA THR A 21 -16.52 -0.15 -20.17
C THR A 21 -16.80 -0.11 -18.66
N GLN A 22 -16.33 0.92 -17.94
CA GLN A 22 -16.48 1.11 -16.50
C GLN A 22 -15.40 0.36 -15.72
N ARG A 23 -14.65 -0.54 -16.35
CA ARG A 23 -13.54 -1.23 -15.71
C ARG A 23 -12.27 -0.40 -15.88
N ASP A 24 -12.22 0.76 -15.22
CA ASP A 24 -11.01 1.57 -15.25
C ASP A 24 -10.88 2.38 -13.95
N LEU A 25 -9.76 3.10 -13.85
CA LEU A 25 -9.41 3.87 -12.68
C LEU A 25 -9.94 5.30 -12.72
N ASN A 26 -10.70 5.65 -13.76
CA ASN A 26 -11.38 6.94 -13.85
C ASN A 26 -10.38 8.08 -13.85
N VAL A 27 -9.28 7.90 -14.59
CA VAL A 27 -8.23 8.91 -14.58
C VAL A 27 -8.52 10.04 -15.54
N LYS A 28 -9.15 9.73 -16.69
CA LYS A 28 -9.47 10.80 -17.64
C LYS A 28 -10.37 11.85 -17.01
N ALA A 29 -11.28 11.43 -16.14
CA ALA A 29 -12.15 12.39 -15.45
C ALA A 29 -11.34 13.34 -14.58
N ALA A 30 -10.23 12.88 -14.00
CA ALA A 30 -9.36 13.80 -13.25
C ALA A 30 -8.59 14.72 -14.18
N TRP A 31 -8.06 14.19 -15.29
CA TRP A 31 -7.43 15.04 -16.28
C TRP A 31 -8.36 16.14 -16.76
N ALA A 32 -9.64 15.81 -16.97
CA ALA A 32 -10.58 16.80 -17.49
C ALA A 32 -10.90 17.87 -16.46
N GLN A 33 -10.83 17.53 -15.17
CA GLN A 33 -10.95 18.55 -14.13
C GLN A 33 -9.71 19.44 -14.05
N GLY A 34 -8.67 19.17 -14.83
CA GLY A 34 -7.46 19.99 -14.85
C GLY A 34 -6.28 19.46 -14.07
N TYR A 35 -6.29 18.21 -13.64
CA TYR A 35 -5.25 17.66 -12.80
C TYR A 35 -4.48 16.61 -13.57
N THR A 36 -3.22 16.92 -13.88
CA THR A 36 -2.34 16.02 -14.59
C THR A 36 -1.02 15.81 -13.86
N GLY A 37 -0.86 16.36 -12.65
CA GLY A 37 0.34 16.14 -11.89
C GLY A 37 1.30 17.30 -11.84
N HIS A 38 0.99 18.41 -12.50
N HIS A 38 0.99 18.41 -12.53
CA HIS A 38 1.92 19.53 -12.55
CA HIS A 38 1.83 19.61 -12.52
C HIS A 38 2.27 19.98 -11.15
C HIS A 38 2.26 19.97 -11.11
N GLY A 39 3.57 20.08 -10.89
CA GLY A 39 4.09 20.53 -9.62
C GLY A 39 4.34 19.44 -8.60
N ILE A 40 3.91 18.20 -8.85
CA ILE A 40 4.07 17.11 -7.89
C ILE A 40 5.29 16.30 -8.27
N VAL A 41 6.00 15.80 -7.27
CA VAL A 41 7.27 15.08 -7.45
C VAL A 41 7.10 13.67 -6.89
N VAL A 42 7.32 12.66 -7.74
CA VAL A 42 7.22 11.25 -7.35
C VAL A 42 8.58 10.60 -7.53
N SER A 43 9.00 9.78 -6.57
CA SER A 43 10.23 9.03 -6.72
C SER A 43 9.96 7.53 -6.67
N ILE A 44 10.53 6.80 -7.62
CA ILE A 44 10.43 5.35 -7.71
C ILE A 44 11.66 4.77 -7.02
N LEU A 45 11.43 4.07 -5.91
CA LEU A 45 12.50 3.41 -5.16
C LEU A 45 12.66 1.99 -5.71
N ASP A 46 13.71 1.76 -6.49
CA ASP A 46 13.75 0.50 -7.23
C ASP A 46 15.16 0.21 -7.75
N ASP A 47 15.28 -0.38 -8.94
CA ASP A 47 16.59 -0.76 -9.46
C ASP A 47 17.18 0.29 -10.40
N GLY A 48 16.65 1.50 -10.39
CA GLY A 48 17.12 2.57 -11.26
C GLY A 48 16.03 3.05 -12.19
N ILE A 49 16.33 4.17 -12.88
CA ILE A 49 15.41 4.77 -13.83
C ILE A 49 16.19 5.24 -15.05
N GLU A 50 15.71 4.89 -16.24
CA GLU A 50 16.36 5.30 -17.48
C GLU A 50 16.00 6.76 -17.72
N LYS A 51 16.83 7.67 -17.20
CA LYS A 51 16.44 9.07 -17.13
C LYS A 51 16.40 9.73 -18.50
N ASN A 52 17.01 9.11 -19.51
CA ASN A 52 17.02 9.60 -20.88
C ASN A 52 15.99 8.91 -21.75
N HIS A 53 15.12 8.07 -21.16
CA HIS A 53 14.11 7.39 -21.96
C HIS A 53 13.25 8.41 -22.70
N PRO A 54 12.95 8.17 -23.98
CA PRO A 54 12.13 9.12 -24.76
C PRO A 54 10.82 9.51 -24.09
N ASP A 55 10.21 8.63 -23.29
CA ASP A 55 8.96 8.96 -22.64
C ASP A 55 9.13 9.36 -21.17
N LEU A 56 10.36 9.41 -20.66
CA LEU A 56 10.59 9.93 -19.31
C LEU A 56 11.40 11.21 -19.25
N ALA A 57 12.23 11.49 -20.27
CA ALA A 57 13.18 12.61 -20.19
C ALA A 57 12.48 13.92 -19.88
N GLY A 58 11.31 14.16 -20.49
CA GLY A 58 10.63 15.42 -20.33
C GLY A 58 10.13 15.68 -18.92
N ASN A 59 9.93 14.61 -18.14
CA ASN A 59 9.44 14.74 -16.77
C ASN A 59 10.50 14.42 -15.73
N TYR A 60 11.68 13.99 -16.14
CA TYR A 60 12.69 13.52 -15.20
C TYR A 60 13.15 14.64 -14.27
N ASP A 61 13.37 14.30 -13.01
CA ASP A 61 13.77 15.26 -11.98
C ASP A 61 14.98 14.72 -11.24
N PRO A 62 16.17 15.25 -11.50
CA PRO A 62 17.35 14.79 -10.74
C PRO A 62 17.22 15.03 -9.25
N GLY A 63 16.44 16.02 -8.83
CA GLY A 63 16.20 16.27 -7.42
C GLY A 63 15.36 15.20 -6.73
N ALA A 64 14.72 14.34 -7.51
CA ALA A 64 13.96 13.21 -6.97
C ALA A 64 14.71 11.90 -7.07
N SER A 65 16.01 11.96 -7.36
CA SER A 65 16.77 10.80 -7.78
C SER A 65 18.08 10.71 -7.03
N PHE A 66 18.53 9.47 -6.81
CA PHE A 66 19.84 9.21 -6.26
C PHE A 66 20.18 7.76 -6.54
N ASP A 67 21.46 7.43 -6.45
CA ASP A 67 21.93 6.05 -6.60
C ASP A 67 22.54 5.66 -5.27
N VAL A 68 21.75 4.95 -4.46
CA VAL A 68 22.22 4.51 -3.16
C VAL A 68 23.13 3.29 -3.29
N ASN A 69 22.92 2.47 -4.32
CA ASN A 69 23.76 1.27 -4.47
C ASN A 69 25.22 1.62 -4.74
N ASP A 70 25.47 2.61 -5.60
CA ASP A 70 26.83 3.04 -5.94
C ASP A 70 27.21 4.37 -5.28
N GLN A 71 26.30 4.99 -4.54
CA GLN A 71 26.54 6.26 -3.86
C GLN A 71 26.97 7.35 -4.84
N ASP A 72 26.06 7.67 -5.76
CA ASP A 72 26.26 8.78 -6.68
C ASP A 72 24.89 9.33 -7.06
N PRO A 73 24.84 10.51 -7.70
CA PRO A 73 23.53 11.12 -7.97
C PRO A 73 22.75 10.49 -9.11
N ASP A 74 23.37 9.62 -9.91
CA ASP A 74 22.82 9.21 -11.19
C ASP A 74 22.15 7.85 -11.09
N PRO A 75 20.83 7.76 -11.18
CA PRO A 75 20.15 6.49 -10.93
C PRO A 75 20.03 5.61 -12.16
N GLN A 76 20.84 5.88 -13.19
CA GLN A 76 20.74 5.12 -14.43
C GLN A 76 20.84 3.63 -14.13
N PRO A 77 19.98 2.80 -14.73
CA PRO A 77 20.09 1.36 -14.49
C PRO A 77 21.41 0.80 -15.01
N ARG A 78 21.85 -0.28 -14.39
CA ARG A 78 22.99 -1.06 -14.86
C ARG A 78 22.50 -2.00 -15.95
N TYR A 79 23.06 -1.88 -17.15
CA TYR A 79 22.58 -2.67 -18.28
C TYR A 79 23.26 -4.03 -18.30
N THR A 80 22.45 -5.07 -18.44
CA THR A 80 22.92 -6.44 -18.52
C THR A 80 22.20 -7.11 -19.69
N GLN A 81 22.68 -8.32 -20.02
CA GLN A 81 22.05 -9.06 -21.12
C GLN A 81 20.63 -9.47 -20.78
N MET A 82 20.39 -9.83 -19.52
CA MET A 82 19.07 -10.29 -19.09
C MET A 82 18.10 -9.16 -18.82
N ASN A 83 18.54 -7.90 -18.93
CA ASN A 83 17.71 -6.73 -18.66
C ASN A 83 17.09 -6.80 -17.27
N ASP A 84 17.88 -7.28 -16.29
CA ASP A 84 17.41 -7.43 -14.92
C ASP A 84 16.91 -6.12 -14.33
N ASN A 85 17.52 -5.00 -14.71
CA ASN A 85 17.25 -3.72 -14.06
C ASN A 85 16.27 -2.86 -14.84
N ARG A 86 15.29 -3.49 -15.46
CA ARG A 86 14.23 -2.80 -16.19
C ARG A 86 13.06 -2.41 -15.29
N HIS A 87 13.04 -2.91 -14.06
CA HIS A 87 11.84 -2.86 -13.22
C HIS A 87 11.49 -1.43 -12.84
N GLY A 88 12.48 -0.66 -12.39
CA GLY A 88 12.20 0.71 -11.99
C GLY A 88 11.74 1.58 -13.13
N THR A 89 12.29 1.37 -14.33
CA THR A 89 11.89 2.17 -15.48
C THR A 89 10.45 1.88 -15.88
N ARG A 90 10.04 0.63 -15.79
CA ARG A 90 8.64 0.29 -16.04
C ARG A 90 7.72 0.96 -15.03
N CYS A 91 8.08 0.94 -13.75
CA CYS A 91 7.26 1.60 -12.74
C CYS A 91 7.18 3.10 -12.98
N ALA A 92 8.31 3.73 -13.35
CA ALA A 92 8.32 5.18 -13.53
C ALA A 92 7.36 5.63 -14.64
N GLY A 93 7.33 4.88 -15.75
CA GLY A 93 6.45 5.25 -16.84
C GLY A 93 4.98 5.18 -16.49
N GLU A 94 4.61 4.26 -15.60
CA GLU A 94 3.22 4.19 -15.16
C GLU A 94 2.80 5.47 -14.47
N VAL A 95 3.72 6.05 -13.68
CA VAL A 95 3.41 7.28 -12.96
C VAL A 95 3.37 8.46 -13.91
N ALA A 96 4.44 8.64 -14.72
CA ALA A 96 4.65 9.95 -15.32
C ALA A 96 5.25 9.90 -16.72
N ALA A 97 4.92 8.88 -17.52
CA ALA A 97 5.33 8.92 -18.91
C ALA A 97 4.73 10.14 -19.60
N VAL A 98 5.52 10.78 -20.46
CA VAL A 98 5.11 12.03 -21.10
C VAL A 98 3.93 11.78 -22.03
N ALA A 99 3.01 12.75 -22.09
CA ALA A 99 1.84 12.65 -22.93
C ALA A 99 2.03 13.46 -24.21
N ASN A 100 1.34 13.02 -25.28
CA ASN A 100 1.20 13.80 -26.52
C ASN A 100 2.55 14.03 -27.21
N ASN A 101 3.44 13.04 -27.13
CA ASN A 101 4.77 13.16 -27.72
C ASN A 101 5.05 12.03 -28.71
N GLY A 102 4.01 11.32 -29.16
CA GLY A 102 4.16 10.29 -30.17
C GLY A 102 4.95 9.06 -29.75
N VAL A 103 5.17 8.89 -28.44
CA VAL A 103 5.96 7.79 -27.91
C VAL A 103 5.11 7.02 -26.89
N CYS A 104 5.01 5.70 -27.07
CA CYS A 104 4.46 4.73 -26.10
C CYS A 104 3.10 5.23 -25.61
N GLY A 105 2.83 5.21 -24.30
CA GLY A 105 1.56 5.67 -23.78
C GLY A 105 1.73 6.90 -22.92
N VAL A 106 0.99 7.00 -21.80
CA VAL A 106 1.09 8.15 -20.90
C VAL A 106 1.06 7.68 -19.46
N GLY A 107 1.72 8.44 -18.58
CA GLY A 107 1.58 8.20 -17.16
C GLY A 107 0.23 8.66 -16.63
N VAL A 108 -0.15 8.14 -15.46
CA VAL A 108 -1.34 8.64 -14.77
C VAL A 108 -1.21 10.14 -14.54
N ALA A 109 -0.03 10.56 -14.11
CA ALA A 109 0.25 11.95 -13.81
C ALA A 109 1.29 12.42 -14.80
N TYR A 110 0.86 12.57 -16.06
CA TYR A 110 1.83 12.71 -17.14
C TYR A 110 2.51 14.08 -17.18
N ASN A 111 2.13 15.00 -16.29
CA ASN A 111 2.83 16.27 -16.13
C ASN A 111 3.53 16.37 -14.78
N ALA A 112 3.56 15.29 -14.01
CA ALA A 112 4.32 15.29 -12.77
C ALA A 112 5.80 15.17 -13.07
N ARG A 113 6.62 15.49 -12.07
N ARG A 113 6.62 15.50 -12.07
CA ARG A 113 8.04 15.23 -12.15
CA ARG A 113 8.05 15.24 -12.12
C ARG A 113 8.35 13.87 -11.53
C ARG A 113 8.33 13.86 -11.55
N ILE A 114 9.24 13.12 -12.19
CA ILE A 114 9.50 11.73 -11.83
C ILE A 114 10.99 11.54 -11.60
N GLY A 115 11.34 10.89 -10.48
CA GLY A 115 12.70 10.49 -10.21
C GLY A 115 12.76 9.02 -9.85
N GLY A 116 13.98 8.55 -9.66
CA GLY A 116 14.18 7.18 -9.23
C GLY A 116 15.33 7.11 -8.25
N VAL A 117 15.20 6.22 -7.28
CA VAL A 117 16.29 5.87 -6.39
C VAL A 117 16.77 4.50 -6.80
N ARG A 118 18.02 4.41 -7.23
CA ARG A 118 18.63 3.11 -7.52
C ARG A 118 19.10 2.53 -6.19
N MET A 119 18.35 1.56 -5.67
CA MET A 119 18.68 0.96 -4.39
C MET A 119 18.46 -0.54 -4.32
N LEU A 120 17.85 -1.18 -5.32
CA LEU A 120 17.68 -2.62 -5.27
C LEU A 120 18.83 -3.40 -5.90
N ASP A 121 19.69 -2.74 -6.66
CA ASP A 121 20.73 -3.43 -7.42
C ASP A 121 21.99 -3.52 -6.57
N GLY A 122 21.91 -4.35 -5.55
CA GLY A 122 22.95 -4.44 -4.54
C GLY A 122 22.37 -5.10 -3.30
N GLU A 123 23.19 -5.12 -2.25
CA GLU A 123 22.69 -5.61 -0.97
C GLU A 123 21.77 -4.55 -0.37
N VAL A 124 20.51 -4.91 -0.14
CA VAL A 124 19.51 -3.96 0.35
C VAL A 124 19.52 -4.06 1.87
N THR A 125 20.38 -3.26 2.49
CA THR A 125 20.47 -3.21 3.94
C THR A 125 19.43 -2.27 4.51
N ASP A 126 19.30 -2.32 5.84
CA ASP A 126 18.50 -1.32 6.57
C ASP A 126 18.94 0.10 6.22
N ALA A 127 20.24 0.36 6.21
CA ALA A 127 20.71 1.71 5.91
C ALA A 127 20.38 2.12 4.48
N VAL A 128 20.46 1.19 3.54
CA VAL A 128 20.10 1.47 2.16
C VAL A 128 18.63 1.88 2.07
N GLU A 129 17.75 1.11 2.70
CA GLU A 129 16.33 1.45 2.67
C GLU A 129 16.09 2.82 3.29
N ALA A 130 16.75 3.09 4.43
CA ALA A 130 16.53 4.33 5.16
C ALA A 130 16.97 5.54 4.34
N ARG A 131 18.13 5.43 3.67
CA ARG A 131 18.58 6.55 2.86
C ARG A 131 17.68 6.77 1.64
N SER A 132 17.04 5.70 1.16
CA SER A 132 16.12 5.81 0.04
C SER A 132 14.80 6.45 0.47
N LEU A 133 14.19 5.89 1.53
CA LEU A 133 12.94 6.42 2.06
C LEU A 133 13.08 7.85 2.55
N GLY A 134 14.28 8.23 3.01
CA GLY A 134 14.50 9.56 3.53
C GLY A 134 15.18 10.50 2.56
N LEU A 135 15.13 10.19 1.25
CA LEU A 135 15.76 11.04 0.26
C LEU A 135 14.96 12.32 0.05
N ASN A 136 15.65 13.46 0.14
CA ASN A 136 15.13 14.79 -0.21
C ASN A 136 13.66 14.94 0.20
N PRO A 137 13.32 14.75 1.49
CA PRO A 137 11.91 14.67 1.88
C PRO A 137 11.17 15.99 1.83
N ASN A 138 11.84 17.11 1.59
CA ASN A 138 11.14 18.37 1.36
C ASN A 138 11.09 18.73 -0.12
N HIS A 139 11.54 17.83 -0.99
CA HIS A 139 11.34 17.98 -2.42
C HIS A 139 10.44 16.90 -2.98
N ILE A 140 10.68 15.64 -2.61
CA ILE A 140 9.84 14.53 -3.08
C ILE A 140 8.56 14.52 -2.27
N HIS A 141 7.42 14.44 -2.96
CA HIS A 141 6.12 14.36 -2.32
C HIS A 141 5.71 12.92 -2.05
N ILE A 142 5.90 12.05 -3.03
CA ILE A 142 5.37 10.69 -3.04
C ILE A 142 6.49 9.72 -3.37
N TYR A 143 6.64 8.68 -2.55
CA TYR A 143 7.59 7.59 -2.76
C TYR A 143 6.83 6.32 -3.14
N SER A 144 7.27 5.64 -4.20
CA SER A 144 6.62 4.42 -4.66
C SER A 144 7.59 3.26 -4.56
N ALA A 145 7.16 2.17 -3.91
CA ALA A 145 8.04 1.03 -3.66
C ALA A 145 7.35 -0.25 -4.12
N SER A 146 7.82 -0.80 -5.23
CA SER A 146 7.33 -2.08 -5.76
C SER A 146 8.31 -3.21 -5.45
N TRP A 147 8.61 -3.35 -4.16
CA TRP A 147 9.57 -4.33 -3.68
C TRP A 147 9.31 -4.58 -2.20
N GLY A 148 9.89 -5.64 -1.68
CA GLY A 148 9.80 -5.91 -0.27
C GLY A 148 10.37 -7.26 0.10
N PRO A 149 10.04 -7.74 1.30
CA PRO A 149 10.54 -9.04 1.74
C PRO A 149 10.09 -10.16 0.82
N GLU A 150 10.88 -11.23 0.81
CA GLU A 150 10.63 -12.37 -0.07
C GLU A 150 9.21 -12.90 0.11
N ASP A 151 8.55 -13.22 -1.01
CA ASP A 151 7.20 -13.76 -0.98
C ASP A 151 7.21 -15.29 -0.96
N ASP A 152 8.03 -15.89 -0.10
CA ASP A 152 8.04 -17.35 -0.05
C ASP A 152 6.91 -17.92 0.81
N GLY A 153 6.13 -17.08 1.48
CA GLY A 153 5.06 -17.60 2.31
C GLY A 153 5.52 -18.14 3.65
N LYS A 154 6.80 -17.96 3.99
CA LYS A 154 7.33 -18.35 5.28
C LYS A 154 7.91 -17.18 6.06
N THR A 155 8.30 -16.10 5.40
CA THR A 155 9.02 -15.00 6.01
C THR A 155 8.08 -14.09 6.81
N VAL A 156 8.55 -13.64 7.96
CA VAL A 156 7.96 -12.53 8.69
C VAL A 156 9.06 -11.48 8.83
N ASP A 157 8.91 -10.34 8.17
CA ASP A 157 10.00 -9.40 8.12
C ASP A 157 9.44 -8.01 7.85
N GLY A 158 10.08 -7.01 8.43
CA GLY A 158 9.66 -5.63 8.26
C GLY A 158 10.85 -4.70 8.36
N PRO A 159 10.57 -3.40 8.32
CA PRO A 159 11.67 -2.43 8.40
C PRO A 159 12.43 -2.58 9.72
N ALA A 160 13.76 -2.54 9.61
CA ALA A 160 14.60 -2.49 10.81
C ALA A 160 14.67 -1.05 11.30
N ARG A 161 15.61 -0.74 12.20
CA ARG A 161 15.50 0.50 12.97
C ARG A 161 15.64 1.74 12.09
N LEU A 162 16.66 1.77 11.22
CA LEU A 162 16.86 2.98 10.40
C LEU A 162 15.68 3.19 9.46
N ALA A 163 15.16 2.12 8.85
CA ALA A 163 14.02 2.28 7.94
C ALA A 163 12.77 2.73 8.69
N GLU A 164 12.51 2.14 9.85
CA GLU A 164 11.36 2.58 10.63
C GLU A 164 11.49 4.05 11.03
N GLU A 165 12.72 4.47 11.37
CA GLU A 165 12.95 5.88 11.67
C GLU A 165 12.70 6.76 10.45
N ALA A 166 13.07 6.28 9.26
CA ALA A 166 12.79 7.03 8.03
C ALA A 166 11.30 7.22 7.81
N PHE A 167 10.50 6.16 8.04
CA PHE A 167 9.06 6.30 7.93
C PHE A 167 8.55 7.36 8.89
N PHE A 168 8.95 7.28 10.15
CA PHE A 168 8.45 8.21 11.14
C PHE A 168 8.89 9.64 10.84
N ARG A 169 10.18 9.82 10.52
CA ARG A 169 10.66 11.15 10.12
C ARG A 169 9.94 11.64 8.87
N GLY A 170 9.67 10.73 7.93
CA GLY A 170 8.99 11.12 6.71
C GLY A 170 7.58 11.63 6.96
N VAL A 171 6.78 10.89 7.73
CA VAL A 171 5.40 11.32 7.90
C VAL A 171 5.31 12.51 8.86
N SER A 172 6.31 12.71 9.71
CA SER A 172 6.27 13.78 10.69
C SER A 172 6.81 15.09 10.13
N GLN A 173 7.97 15.06 9.49
CA GLN A 173 8.61 16.29 9.03
C GLN A 173 8.69 16.44 7.52
N GLY A 174 8.47 15.37 6.75
CA GLY A 174 8.52 15.48 5.30
C GLY A 174 7.41 16.36 4.76
N ARG A 175 7.64 16.87 3.55
CA ARG A 175 6.63 17.66 2.82
C ARG A 175 6.12 18.81 3.69
N GLY A 176 7.05 19.54 4.28
CA GLY A 176 6.70 20.69 5.09
C GLY A 176 5.99 20.39 6.37
N GLY A 177 6.13 19.17 6.91
CA GLY A 177 5.39 18.74 8.06
C GLY A 177 4.08 18.06 7.75
N LEU A 178 3.65 18.05 6.48
CA LEU A 178 2.43 17.36 6.11
C LEU A 178 2.64 15.84 6.04
N GLY A 179 3.86 15.41 5.80
CA GLY A 179 4.19 13.99 5.80
C GLY A 179 4.40 13.41 4.41
N SER A 180 5.53 12.76 4.21
CA SER A 180 5.77 12.00 2.98
C SER A 180 4.66 10.98 2.75
N ILE A 181 4.29 10.80 1.49
CA ILE A 181 3.35 9.75 1.10
C ILE A 181 4.15 8.54 0.63
N PHE A 182 4.03 7.42 1.36
CA PHE A 182 4.71 6.17 1.00
C PHE A 182 3.67 5.20 0.42
N VAL A 183 3.82 4.83 -0.85
CA VAL A 183 2.92 3.91 -1.53
C VAL A 183 3.65 2.58 -1.71
N TRP A 184 3.02 1.47 -1.28
CA TRP A 184 3.69 0.17 -1.29
C TRP A 184 2.86 -0.85 -2.06
N ALA A 185 3.56 -1.69 -2.83
CA ALA A 185 2.93 -2.82 -3.48
C ALA A 185 2.72 -3.94 -2.45
N SER A 186 1.49 -4.48 -2.40
CA SER A 186 1.19 -5.39 -1.30
C SER A 186 1.86 -6.76 -1.43
N GLY A 187 2.32 -7.14 -2.63
CA GLY A 187 3.11 -8.35 -2.72
C GLY A 187 2.71 -9.32 -3.82
N ASN A 188 3.61 -10.25 -4.16
CA ASN A 188 3.39 -11.21 -5.25
C ASN A 188 3.31 -12.64 -4.75
N GLY A 189 3.03 -12.86 -3.46
CA GLY A 189 3.11 -14.19 -2.89
C GLY A 189 1.86 -15.05 -2.96
N GLY A 190 0.95 -14.71 -3.87
CA GLY A 190 -0.33 -15.41 -3.93
C GLY A 190 -0.18 -16.92 -4.10
N ARG A 191 0.71 -17.35 -5.00
CA ARG A 191 0.89 -18.77 -5.24
C ARG A 191 1.44 -19.49 -4.01
N GLU A 192 2.19 -18.79 -3.18
CA GLU A 192 2.71 -19.35 -1.93
C GLU A 192 1.75 -19.17 -0.77
N HIS A 193 0.53 -18.72 -1.02
CA HIS A 193 -0.43 -18.45 0.04
C HIS A 193 0.14 -17.51 1.09
N ASP A 194 0.91 -16.53 0.64
CA ASP A 194 1.50 -15.55 1.53
C ASP A 194 0.43 -14.60 2.07
N SER A 195 0.73 -13.96 3.20
CA SER A 195 -0.14 -12.95 3.80
C SER A 195 0.62 -11.63 3.89
N CYS A 196 0.05 -10.57 3.34
CA CYS A 196 0.78 -9.31 3.40
C CYS A 196 0.81 -8.70 4.80
N ASN A 197 0.16 -9.32 5.80
CA ASN A 197 0.37 -8.84 7.17
C ASN A 197 1.68 -9.36 7.77
N CYS A 198 2.34 -10.33 7.13
CA CYS A 198 3.66 -10.78 7.55
C CYS A 198 4.78 -9.96 6.94
N ASP A 199 4.45 -8.82 6.37
CA ASP A 199 5.36 -7.94 5.66
C ASP A 199 5.21 -6.58 6.37
N GLY A 200 6.24 -6.16 7.09
CA GLY A 200 6.10 -4.95 7.90
C GLY A 200 6.06 -3.67 7.08
N TYR A 201 6.47 -3.72 5.82
CA TYR A 201 6.39 -2.54 4.96
C TYR A 201 4.95 -2.26 4.56
N THR A 202 4.25 -3.28 4.05
CA THR A 202 2.84 -3.12 3.68
C THR A 202 1.97 -2.97 4.92
N ASN A 203 2.29 -3.70 5.99
CA ASN A 203 1.54 -3.70 7.24
C ASN A 203 1.68 -2.39 8.02
N SER A 204 2.62 -1.53 7.64
CA SER A 204 2.85 -0.27 8.33
C SER A 204 1.68 0.68 8.17
N ILE A 205 1.37 1.45 9.21
CA ILE A 205 0.35 2.48 9.06
C ILE A 205 0.85 3.63 8.19
N TYR A 206 2.17 3.78 8.04
CA TYR A 206 2.74 4.90 7.29
C TYR A 206 2.77 4.67 5.80
N THR A 207 2.45 3.47 5.33
CA THR A 207 2.40 3.20 3.90
C THR A 207 0.97 2.94 3.45
N LEU A 208 0.67 3.34 2.23
CA LEU A 208 -0.60 2.96 1.59
C LEU A 208 -0.34 1.70 0.79
N SER A 209 -0.81 0.57 1.31
CA SER A 209 -0.56 -0.70 0.66
C SER A 209 -1.63 -0.96 -0.39
N ILE A 210 -1.20 -1.28 -1.61
CA ILE A 210 -2.07 -1.34 -2.77
C ILE A 210 -2.03 -2.74 -3.35
N SER A 211 -3.21 -3.35 -3.54
CA SER A 211 -3.32 -4.65 -4.18
C SER A 211 -3.78 -4.50 -5.64
N SER A 212 -4.03 -5.64 -6.29
CA SER A 212 -4.23 -5.69 -7.73
C SER A 212 -5.55 -6.35 -8.07
N ALA A 213 -6.12 -5.96 -9.21
CA ALA A 213 -7.25 -6.67 -9.79
C ALA A 213 -6.96 -6.90 -11.27
N THR A 214 -7.44 -8.03 -11.80
CA THR A 214 -7.29 -8.29 -13.22
C THR A 214 -8.32 -7.49 -14.01
N GLN A 215 -8.10 -7.42 -15.34
CA GLN A 215 -9.01 -6.69 -16.22
C GLN A 215 -10.45 -7.12 -16.03
N PHE A 216 -10.70 -8.43 -15.93
CA PHE A 216 -12.06 -8.92 -15.78
C PHE A 216 -12.57 -8.81 -14.35
N GLY A 217 -11.85 -8.09 -13.49
CA GLY A 217 -12.28 -7.86 -12.12
C GLY A 217 -12.03 -8.99 -11.15
N ASN A 218 -10.99 -9.79 -11.34
CA ASN A 218 -10.76 -10.93 -10.45
C ASN A 218 -9.50 -10.74 -9.62
N VAL A 219 -9.36 -11.58 -8.60
CA VAL A 219 -8.18 -11.58 -7.73
C VAL A 219 -7.07 -12.30 -8.48
N PRO A 220 -6.00 -11.62 -8.87
CA PRO A 220 -4.97 -12.27 -9.69
C PRO A 220 -4.27 -13.40 -8.93
N TRP A 221 -3.63 -14.28 -9.70
CA TRP A 221 -2.95 -15.42 -9.11
C TRP A 221 -1.90 -15.00 -8.08
N TYR A 222 -1.23 -13.87 -8.30
CA TYR A 222 -0.12 -13.44 -7.44
C TYR A 222 -0.57 -12.66 -6.21
N SER A 223 -1.86 -12.35 -6.09
CA SER A 223 -2.34 -11.44 -5.06
C SER A 223 -2.21 -12.04 -3.65
N GLU A 224 -1.83 -11.19 -2.69
CA GLU A 224 -1.79 -11.57 -1.29
C GLU A 224 -2.95 -10.90 -0.56
N ALA A 225 -3.69 -11.68 0.22
CA ALA A 225 -4.78 -11.15 1.04
C ALA A 225 -4.25 -10.76 2.42
N CYS A 226 -4.72 -9.62 2.94
CA CYS A 226 -4.45 -9.25 4.33
C CYS A 226 -5.32 -8.06 4.70
N SER A 227 -5.41 -7.81 6.01
CA SER A 227 -6.24 -6.70 6.50
C SER A 227 -5.53 -5.35 6.41
N SER A 228 -4.22 -5.31 6.15
CA SER A 228 -3.52 -4.01 6.10
C SER A 228 -3.66 -3.32 4.74
N THR A 229 -4.10 -4.04 3.70
CA THR A 229 -4.27 -3.41 2.39
C THR A 229 -5.34 -2.33 2.44
N LEU A 230 -5.09 -1.23 1.74
CA LEU A 230 -6.02 -0.09 1.75
C LEU A 230 -6.91 -0.02 0.52
N ALA A 231 -6.37 -0.28 -0.67
CA ALA A 231 -7.15 -0.15 -1.90
C ALA A 231 -6.44 -0.92 -3.00
N THR A 232 -6.96 -0.79 -4.23
CA THR A 232 -6.59 -1.64 -5.35
C THR A 232 -6.45 -0.80 -6.61
N THR A 233 -5.51 -1.18 -7.48
CA THR A 233 -5.53 -0.72 -8.86
C THR A 233 -5.40 -1.93 -9.78
N TYR A 234 -5.75 -1.72 -11.05
CA TYR A 234 -5.65 -2.79 -12.02
C TYR A 234 -4.20 -3.19 -12.26
N SER A 235 -4.01 -4.47 -12.58
CA SER A 235 -2.73 -4.96 -13.09
C SER A 235 -3.01 -6.17 -13.98
N SER A 236 -2.06 -7.09 -14.10
CA SER A 236 -2.17 -8.18 -15.04
C SER A 236 -2.96 -9.34 -14.44
N GLY A 237 -3.35 -10.27 -15.31
CA GLY A 237 -4.07 -11.46 -14.90
C GLY A 237 -3.69 -12.62 -15.80
N ASN A 238 -4.66 -13.30 -16.40
CA ASN A 238 -4.37 -14.41 -17.29
C ASN A 238 -4.01 -13.87 -18.69
N GLN A 239 -3.74 -14.78 -19.64
CA GLN A 239 -3.24 -14.32 -20.93
C GLN A 239 -4.34 -13.84 -21.87
N ASN A 240 -5.61 -13.93 -21.47
CA ASN A 240 -6.65 -13.27 -22.23
C ASN A 240 -6.93 -11.86 -21.74
N GLU A 241 -6.39 -11.49 -20.58
CA GLU A 241 -6.59 -10.16 -20.02
C GLU A 241 -5.41 -9.26 -20.40
N LYS A 242 -5.71 -7.98 -20.65
CA LYS A 242 -4.65 -7.05 -21.04
C LYS A 242 -3.75 -6.75 -19.84
N GLN A 243 -2.62 -6.12 -20.13
CA GLN A 243 -1.62 -5.86 -19.10
C GLN A 243 -1.31 -4.37 -19.09
N ILE A 244 -0.20 -3.99 -18.45
CA ILE A 244 0.10 -2.59 -18.22
C ILE A 244 1.09 -2.10 -19.26
N VAL A 245 0.82 -0.91 -19.80
CA VAL A 245 1.62 -0.32 -20.88
C VAL A 245 2.54 0.71 -20.28
N THR A 246 3.85 0.57 -20.50
CA THR A 246 4.76 1.51 -19.85
C THR A 246 6.09 1.52 -20.59
N THR A 247 6.98 2.38 -20.09
CA THR A 247 8.31 2.55 -20.62
C THR A 247 9.20 1.38 -20.21
N ASP A 248 10.04 0.91 -21.14
CA ASP A 248 10.89 -0.23 -20.86
C ASP A 248 12.35 0.17 -20.99
N LEU A 249 13.21 -0.69 -20.47
CA LEU A 249 14.65 -0.49 -20.56
C LEU A 249 15.09 -0.41 -22.02
N ARG A 250 16.17 0.33 -22.26
CA ARG A 250 16.72 0.51 -23.62
C ARG A 250 15.75 1.30 -24.51
N GLN A 251 15.05 2.26 -23.90
CA GLN A 251 14.27 3.25 -24.64
C GLN A 251 13.12 2.61 -25.40
N LYS A 252 12.61 1.50 -24.90
CA LYS A 252 11.55 0.75 -25.54
C LYS A 252 10.22 0.97 -24.82
N CYS A 253 9.18 0.40 -25.40
CA CYS A 253 7.83 0.44 -24.86
C CYS A 253 7.41 -1.00 -24.64
N THR A 254 6.78 -1.29 -23.50
CA THR A 254 6.27 -2.63 -23.23
C THR A 254 4.78 -2.57 -22.98
N GLU A 255 4.07 -3.58 -23.45
CA GLU A 255 2.66 -3.74 -23.14
C GLU A 255 2.43 -4.89 -22.17
N SER A 256 3.49 -5.38 -21.51
CA SER A 256 3.38 -6.59 -20.71
C SER A 256 4.03 -6.42 -19.34
N HIS A 257 3.85 -5.25 -18.72
CA HIS A 257 4.24 -5.06 -17.33
C HIS A 257 3.15 -5.67 -16.45
N THR A 258 3.56 -6.36 -15.37
CA THR A 258 2.67 -7.30 -14.67
C THR A 258 2.88 -7.27 -13.16
N GLY A 259 1.94 -7.92 -12.45
CA GLY A 259 2.10 -8.22 -11.05
C GLY A 259 1.81 -7.07 -10.11
N THR A 260 2.02 -7.34 -8.83
CA THR A 260 1.84 -6.32 -7.81
C THR A 260 2.66 -5.07 -8.12
N SER A 261 3.80 -5.26 -8.79
CA SER A 261 4.71 -4.15 -9.08
C SER A 261 4.04 -3.04 -9.86
N ALA A 262 3.07 -3.37 -10.72
CA ALA A 262 2.43 -2.36 -11.54
C ALA A 262 1.33 -1.62 -10.80
N SER A 263 0.83 -2.15 -9.68
CA SER A 263 -0.31 -1.50 -9.04
C SER A 263 0.11 -0.30 -8.21
N ALA A 264 1.20 -0.40 -7.45
CA ALA A 264 1.65 0.74 -6.65
C ALA A 264 1.93 1.98 -7.48
N PRO A 265 2.65 1.91 -8.61
CA PRO A 265 2.89 3.14 -9.40
C PRO A 265 1.61 3.81 -9.87
N LEU A 266 0.61 3.03 -10.28
CA LEU A 266 -0.64 3.64 -10.70
C LEU A 266 -1.30 4.38 -9.54
N ALA A 267 -1.27 3.78 -8.34
CA ALA A 267 -1.76 4.46 -7.15
C ALA A 267 -0.95 5.73 -6.88
N ALA A 268 0.37 5.65 -6.99
CA ALA A 268 1.20 6.83 -6.77
C ALA A 268 0.84 7.94 -7.75
N GLY A 269 0.55 7.59 -9.01
CA GLY A 269 0.12 8.61 -9.96
C GLY A 269 -1.21 9.24 -9.57
N ILE A 270 -2.15 8.43 -9.12
CA ILE A 270 -3.46 8.95 -8.73
C ILE A 270 -3.31 9.86 -7.52
N ILE A 271 -2.44 9.47 -6.58
CA ILE A 271 -2.16 10.32 -5.42
C ILE A 271 -1.48 11.62 -5.86
N ALA A 272 -0.65 11.57 -6.90
CA ALA A 272 -0.05 12.80 -7.41
C ALA A 272 -1.11 13.76 -7.93
N LEU A 273 -2.08 13.25 -8.69
CA LEU A 273 -3.18 14.09 -9.14
C LEU A 273 -3.95 14.67 -7.96
N THR A 274 -4.15 13.86 -6.93
CA THR A 274 -4.89 14.32 -5.74
C THR A 274 -4.13 15.42 -5.02
N LEU A 275 -2.81 15.28 -4.89
CA LEU A 275 -2.01 16.33 -4.26
C LEU A 275 -2.02 17.61 -5.09
N GLU A 276 -2.08 17.49 -6.42
CA GLU A 276 -2.21 18.70 -7.23
C GLU A 276 -3.52 19.42 -6.90
N ALA A 277 -4.58 18.66 -6.66
CA ALA A 277 -5.88 19.26 -6.36
C ALA A 277 -5.90 19.90 -4.98
N ASN A 278 -5.01 19.50 -4.07
CA ASN A 278 -4.95 20.13 -2.75
C ASN A 278 -3.58 19.80 -2.17
N LYS A 279 -2.65 20.76 -2.26
CA LYS A 279 -1.30 20.54 -1.79
C LYS A 279 -1.21 20.46 -0.28
N ASN A 280 -2.27 20.82 0.44
CA ASN A 280 -2.25 20.89 1.90
C ASN A 280 -2.66 19.59 2.57
N LEU A 281 -2.92 18.54 1.79
CA LEU A 281 -3.32 17.25 2.34
C LEU A 281 -2.18 16.64 3.14
N THR A 282 -2.49 16.15 4.34
CA THR A 282 -1.50 15.44 5.14
C THR A 282 -1.44 13.98 4.72
N TRP A 283 -0.44 13.26 5.25
CA TRP A 283 -0.35 11.84 4.94
C TRP A 283 -1.59 11.07 5.41
N ARG A 284 -2.18 11.49 6.54
CA ARG A 284 -3.41 10.84 6.98
C ARG A 284 -4.60 11.28 6.14
N ASP A 285 -4.69 12.57 5.78
CA ASP A 285 -5.73 13.01 4.84
C ASP A 285 -5.80 12.09 3.63
N MET A 286 -4.64 11.75 3.08
CA MET A 286 -4.61 10.98 1.84
C MET A 286 -5.21 9.59 2.04
N GLN A 287 -4.92 8.96 3.18
CA GLN A 287 -5.51 7.65 3.44
C GLN A 287 -7.03 7.77 3.64
N HIS A 288 -7.48 8.82 4.31
CA HIS A 288 -8.92 9.06 4.42
C HIS A 288 -9.58 9.20 3.05
N LEU A 289 -8.98 10.00 2.16
CA LEU A 289 -9.55 10.15 0.81
C LEU A 289 -9.64 8.80 0.11
N VAL A 290 -8.60 7.97 0.24
CA VAL A 290 -8.61 6.66 -0.40
C VAL A 290 -9.72 5.79 0.15
N VAL A 291 -9.89 5.79 1.48
CA VAL A 291 -10.97 5.01 2.10
C VAL A 291 -12.32 5.48 1.59
N GLN A 292 -12.54 6.79 1.51
CA GLN A 292 -13.88 7.29 1.22
C GLN A 292 -14.26 7.13 -0.25
N THR A 293 -13.30 7.17 -1.16
CA THR A 293 -13.61 7.25 -2.59
C THR A 293 -13.41 5.95 -3.35
N SER A 294 -12.79 4.94 -2.76
CA SER A 294 -12.47 3.74 -3.51
C SER A 294 -13.72 2.91 -3.71
N LYS A 295 -13.74 2.15 -4.82
CA LYS A 295 -14.96 1.59 -5.37
C LYS A 295 -14.89 0.08 -5.39
N PRO A 296 -15.74 -0.61 -4.63
CA PRO A 296 -15.77 -2.08 -4.70
C PRO A 296 -16.38 -2.61 -5.98
N ALA A 297 -17.26 -1.84 -6.63
CA ALA A 297 -18.14 -2.39 -7.64
C ALA A 297 -17.36 -3.08 -8.74
N HIS A 298 -17.87 -4.23 -9.18
CA HIS A 298 -17.34 -5.03 -10.27
C HIS A 298 -16.03 -5.71 -9.93
N LEU A 299 -15.61 -5.71 -8.66
CA LEU A 299 -14.47 -6.53 -8.23
C LEU A 299 -15.00 -7.77 -7.55
N ASN A 300 -14.55 -8.94 -8.02
CA ASN A 300 -15.06 -10.21 -7.52
C ASN A 300 -14.18 -10.74 -6.40
N ALA A 301 -14.82 -11.08 -5.28
CA ALA A 301 -14.11 -11.70 -4.17
C ALA A 301 -15.12 -12.48 -3.34
N ASN A 302 -14.63 -13.50 -2.64
CA ASN A 302 -15.51 -14.30 -1.79
C ASN A 302 -15.64 -13.76 -0.37
N ASP A 303 -14.95 -12.67 -0.03
CA ASP A 303 -14.89 -12.21 1.35
C ASP A 303 -15.33 -10.76 1.53
N TRP A 304 -16.10 -10.19 0.60
CA TRP A 304 -16.59 -8.84 0.81
C TRP A 304 -17.45 -8.79 2.07
N ALA A 305 -17.19 -7.80 2.92
CA ALA A 305 -17.95 -7.60 4.14
C ALA A 305 -18.19 -6.11 4.31
N THR A 306 -19.31 -5.77 4.93
CA THR A 306 -19.64 -4.39 5.23
C THR A 306 -19.21 -4.10 6.67
N ASN A 307 -18.39 -3.04 6.84
CA ASN A 307 -17.87 -2.73 8.17
C ASN A 307 -18.92 -1.93 8.97
N GLY A 308 -18.50 -1.34 10.08
CA GLY A 308 -19.48 -0.74 10.97
C GLY A 308 -20.02 0.59 10.52
N VAL A 309 -19.40 1.20 9.51
CA VAL A 309 -19.89 2.46 8.96
C VAL A 309 -20.38 2.26 7.54
N GLY A 310 -20.71 1.03 7.17
CA GLY A 310 -21.38 0.76 5.93
C GLY A 310 -20.51 0.67 4.70
N ARG A 311 -19.19 0.59 4.85
CA ARG A 311 -18.28 0.49 3.70
C ARG A 311 -17.91 -0.96 3.47
N LYS A 312 -17.92 -1.37 2.20
CA LYS A 312 -17.53 -2.72 1.82
C LYS A 312 -16.01 -2.83 1.82
N VAL A 313 -15.51 -3.95 2.35
CA VAL A 313 -14.07 -4.13 2.45
C VAL A 313 -13.75 -5.60 2.22
N SER A 314 -12.64 -5.85 1.53
CA SER A 314 -12.17 -7.19 1.21
C SER A 314 -10.71 -7.29 1.59
N HIS A 315 -10.29 -8.48 2.00
CA HIS A 315 -8.87 -8.67 2.29
C HIS A 315 -8.04 -8.75 1.01
N SER A 316 -8.68 -8.97 -0.14
CA SER A 316 -7.95 -8.95 -1.40
C SER A 316 -7.83 -7.55 -1.97
N TYR A 317 -8.75 -6.65 -1.63
CA TYR A 317 -8.88 -5.38 -2.31
C TYR A 317 -8.90 -4.15 -1.41
N GLY A 318 -8.90 -4.31 -0.08
CA GLY A 318 -9.10 -3.15 0.77
C GLY A 318 -10.49 -2.58 0.52
N TYR A 319 -10.56 -1.27 0.33
CA TYR A 319 -11.84 -0.61 0.06
C TYR A 319 -12.20 -0.61 -1.42
N GLY A 320 -11.38 -1.23 -2.26
CA GLY A 320 -11.72 -1.40 -3.65
C GLY A 320 -10.82 -0.63 -4.58
N LEU A 321 -11.33 -0.39 -5.80
CA LEU A 321 -10.55 0.24 -6.84
C LEU A 321 -10.38 1.73 -6.59
N LEU A 322 -9.17 2.24 -6.77
CA LEU A 322 -8.99 3.69 -6.74
C LEU A 322 -9.84 4.35 -7.83
N ASP A 323 -10.31 5.55 -7.53
CA ASP A 323 -11.16 6.34 -8.43
C ASP A 323 -10.54 7.73 -8.48
N ALA A 324 -9.77 7.99 -9.54
CA ALA A 324 -8.99 9.23 -9.60
C ALA A 324 -9.91 10.45 -9.66
N GLY A 325 -10.97 10.39 -10.47
CA GLY A 325 -11.89 11.52 -10.54
C GLY A 325 -12.51 11.83 -9.19
N ALA A 326 -12.91 10.80 -8.45
CA ALA A 326 -13.51 11.03 -7.15
C ALA A 326 -12.50 11.54 -6.13
N MET A 327 -11.26 11.06 -6.22
CA MET A 327 -10.19 11.54 -5.33
C MET A 327 -9.96 13.04 -5.51
N VAL A 328 -9.77 13.49 -6.75
CA VAL A 328 -9.44 14.90 -6.94
C VAL A 328 -10.64 15.78 -6.61
N ALA A 329 -11.86 15.28 -6.82
CA ALA A 329 -13.04 16.06 -6.48
C ALA A 329 -13.16 16.26 -4.98
N LEU A 330 -13.04 15.17 -4.22
CA LEU A 330 -13.14 15.25 -2.78
C LEU A 330 -11.98 16.03 -2.16
N ALA A 331 -10.79 15.96 -2.78
CA ALA A 331 -9.63 16.61 -2.18
C ALA A 331 -9.78 18.13 -2.15
N GLN A 332 -10.53 18.70 -3.09
CA GLN A 332 -10.47 20.15 -3.30
C GLN A 332 -10.93 20.93 -2.07
N ASN A 333 -12.07 20.55 -1.49
CA ASN A 333 -12.57 21.26 -0.32
C ASN A 333 -12.36 20.47 0.97
N TRP A 334 -11.37 19.57 0.99
CA TRP A 334 -11.13 18.70 2.13
C TRP A 334 -10.70 19.50 3.35
N THR A 335 -11.31 19.19 4.49
CA THR A 335 -10.90 19.76 5.78
C THR A 335 -9.88 18.84 6.43
N THR A 336 -8.71 19.38 6.74
CA THR A 336 -7.64 18.61 7.38
C THR A 336 -8.16 17.84 8.58
N VAL A 337 -7.81 16.55 8.65
CA VAL A 337 -8.21 15.76 9.82
C VAL A 337 -7.52 16.29 11.07
N ALA A 338 -8.13 15.98 12.22
CA ALA A 338 -7.58 16.38 13.50
C ALA A 338 -6.28 15.61 13.78
N PRO A 339 -5.45 16.11 14.70
CA PRO A 339 -4.19 15.41 15.00
C PRO A 339 -4.45 13.98 15.41
N GLN A 340 -3.50 13.11 15.08
CA GLN A 340 -3.64 11.69 15.33
C GLN A 340 -3.49 11.38 16.82
N ARG A 341 -4.46 10.67 17.37
CA ARG A 341 -4.38 10.16 18.73
C ARG A 341 -3.99 8.69 18.70
N LYS A 342 -3.38 8.24 19.79
CA LYS A 342 -2.91 6.86 19.93
C LYS A 342 -3.30 6.35 21.29
N CYS A 343 -4.11 5.29 21.32
CA CYS A 343 -4.60 4.72 22.57
C CYS A 343 -4.03 3.31 22.70
N ILE A 344 -3.25 3.08 23.75
CA ILE A 344 -2.52 1.82 23.95
C ILE A 344 -3.23 1.03 25.01
N ILE A 345 -3.72 -0.17 24.67
CA ILE A 345 -4.49 -0.98 25.60
C ILE A 345 -3.82 -2.34 25.75
N ASP A 346 -3.21 -2.59 26.91
CA ASP A 346 -2.62 -3.89 27.19
C ASP A 346 -3.73 -4.84 27.62
N ILE A 347 -3.96 -5.89 26.85
CA ILE A 347 -5.17 -6.68 26.99
C ILE A 347 -5.03 -7.78 28.03
N LEU A 348 -3.88 -8.47 28.08
CA LEU A 348 -3.77 -9.67 28.89
C LEU A 348 -3.41 -9.34 30.34
N THR A 349 -3.98 -10.12 31.26
CA THR A 349 -3.51 -10.11 32.65
C THR A 349 -2.64 -11.32 32.99
N GLU A 350 -2.67 -12.35 32.16
CA GLU A 350 -1.85 -13.54 32.33
C GLU A 350 -1.64 -14.17 30.97
N PRO A 351 -0.56 -14.92 30.76
CA PRO A 351 -0.38 -15.64 29.50
C PRO A 351 -1.50 -16.66 29.29
N LYS A 352 -1.79 -16.95 28.01
CA LYS A 352 -2.87 -17.85 27.65
C LYS A 352 -2.35 -18.91 26.69
N ASP A 353 -2.57 -20.18 27.05
CA ASP A 353 -2.22 -21.27 26.14
C ASP A 353 -3.12 -21.23 24.91
N ILE A 354 -2.52 -21.47 23.74
N ILE A 354 -2.52 -21.45 23.74
CA ILE A 354 -3.29 -21.40 22.50
CA ILE A 354 -3.27 -21.40 22.49
C ILE A 354 -4.08 -22.68 22.27
C ILE A 354 -4.09 -22.67 22.32
N GLY A 355 -3.44 -23.84 22.42
CA GLY A 355 -4.14 -25.08 22.21
C GLY A 355 -4.72 -25.15 20.81
N LYS A 356 -5.90 -25.75 20.70
CA LYS A 356 -6.57 -25.84 19.40
C LYS A 356 -7.21 -24.51 19.02
N ARG A 357 -7.61 -23.72 20.01
CA ARG A 357 -8.30 -22.45 19.76
C ARG A 357 -8.23 -21.60 21.01
N LEU A 358 -8.00 -20.30 20.83
CA LEU A 358 -8.00 -19.33 21.91
C LEU A 358 -8.86 -18.15 21.49
N GLU A 359 -9.81 -17.76 22.33
CA GLU A 359 -10.59 -16.56 22.12
C GLU A 359 -10.38 -15.64 23.31
N VAL A 360 -9.96 -14.40 23.04
CA VAL A 360 -9.70 -13.40 24.08
C VAL A 360 -10.67 -12.25 23.85
N ARG A 361 -11.55 -12.01 24.82
CA ARG A 361 -12.51 -10.92 24.76
C ARG A 361 -12.11 -9.82 25.73
N LYS A 362 -12.19 -8.57 25.28
CA LYS A 362 -11.89 -7.47 26.17
C LYS A 362 -12.76 -6.28 25.81
N THR A 363 -13.48 -5.74 26.80
CA THR A 363 -14.25 -4.52 26.61
C THR A 363 -13.36 -3.33 26.93
N VAL A 364 -13.23 -2.40 25.98
CA VAL A 364 -12.32 -1.28 26.15
C VAL A 364 -13.10 0.03 26.10
N THR A 365 -12.52 1.06 26.74
CA THR A 365 -13.08 2.40 26.71
C THR A 365 -12.35 3.32 25.74
N ALA A 366 -11.26 2.85 25.13
CA ALA A 366 -10.48 3.62 24.15
C ALA A 366 -10.10 5.00 24.69
N CYS A 367 -9.53 4.98 25.89
CA CYS A 367 -8.93 6.17 26.52
C CYS A 367 -9.99 7.25 26.81
N LEU A 368 -11.20 6.80 27.14
CA LEU A 368 -12.26 7.69 27.60
C LEU A 368 -11.75 8.66 28.66
N GLY A 369 -12.11 9.94 28.50
CA GLY A 369 -11.75 10.96 29.46
C GLY A 369 -10.32 11.47 29.38
N GLU A 370 -9.57 11.05 28.36
CA GLU A 370 -8.17 11.39 28.20
C GLU A 370 -7.96 12.09 26.86
N PRO A 371 -6.87 12.85 26.71
CA PRO A 371 -6.63 13.51 25.42
C PRO A 371 -6.46 12.56 24.24
N ASN A 372 -6.19 11.27 24.48
CA ASN A 372 -6.07 10.33 23.37
C ASN A 372 -7.34 9.49 23.20
N HIS A 373 -8.46 9.94 23.76
CA HIS A 373 -9.75 9.30 23.52
C HIS A 373 -10.03 9.23 22.02
N ILE A 374 -10.38 8.04 21.54
CA ILE A 374 -10.65 7.82 20.13
C ILE A 374 -12.10 7.37 19.97
N THR A 375 -12.89 8.16 19.25
CA THR A 375 -14.21 7.72 18.81
C THR A 375 -14.26 7.43 17.31
N ARG A 376 -13.23 7.81 16.55
CA ARG A 376 -13.14 7.59 15.10
C ARG A 376 -11.82 6.87 14.82
N LEU A 377 -11.90 5.56 14.60
CA LEU A 377 -10.70 4.77 14.37
C LEU A 377 -10.09 5.08 12.99
N GLU A 378 -8.77 5.03 12.93
CA GLU A 378 -8.10 4.90 11.64
C GLU A 378 -7.52 3.49 11.58
N HIS A 379 -6.21 3.34 11.73
CA HIS A 379 -5.60 2.03 11.82
C HIS A 379 -5.80 1.43 13.22
N ALA A 380 -5.92 0.11 13.27
CA ALA A 380 -5.86 -0.62 14.54
C ALA A 380 -4.80 -1.70 14.41
N GLN A 381 -4.03 -1.88 15.47
CA GLN A 381 -3.01 -2.93 15.51
C GLN A 381 -3.29 -3.86 16.68
N ALA A 382 -3.11 -5.15 16.44
CA ALA A 382 -3.01 -6.13 17.51
C ALA A 382 -1.54 -6.53 17.53
N ARG A 383 -0.80 -6.02 18.52
CA ARG A 383 0.61 -6.34 18.64
C ARG A 383 0.73 -7.59 19.51
N LEU A 384 1.13 -8.70 18.90
CA LEU A 384 1.07 -10.01 19.53
C LEU A 384 2.45 -10.57 19.78
N THR A 385 2.64 -11.13 20.97
CA THR A 385 3.81 -11.93 21.27
C THR A 385 3.34 -13.32 21.64
N LEU A 386 3.78 -14.32 20.90
CA LEU A 386 3.32 -15.68 21.14
C LEU A 386 4.38 -16.66 20.68
N SER A 387 4.38 -17.83 21.31
CA SER A 387 5.17 -18.96 20.87
C SER A 387 4.22 -19.98 20.26
N TYR A 388 4.74 -20.74 19.30
CA TYR A 388 3.96 -21.80 18.66
C TYR A 388 4.94 -22.73 17.95
N ASN A 389 4.56 -24.00 17.83
CA ASN A 389 5.52 -24.94 17.23
C ASN A 389 5.55 -24.88 15.71
N ARG A 390 4.45 -24.52 15.03
CA ARG A 390 4.46 -24.38 13.55
C ARG A 390 3.61 -23.17 13.16
N ARG A 391 4.29 -22.06 12.85
CA ARG A 391 3.64 -20.76 12.79
C ARG A 391 2.55 -20.73 11.73
N GLY A 392 2.79 -21.37 10.59
CA GLY A 392 1.87 -21.29 9.46
C GLY A 392 0.56 -22.04 9.66
N ASP A 393 0.43 -22.82 10.72
CA ASP A 393 -0.85 -23.44 11.02
C ASP A 393 -1.81 -22.49 11.71
N LEU A 394 -1.34 -21.33 12.18
CA LEU A 394 -2.19 -20.39 12.89
C LEU A 394 -3.03 -19.56 11.93
N ALA A 395 -4.27 -19.32 12.32
CA ALA A 395 -5.08 -18.26 11.74
C ALA A 395 -5.51 -17.33 12.86
N ILE A 396 -5.44 -16.03 12.63
CA ILE A 396 -5.71 -15.04 13.65
C ILE A 396 -6.76 -14.07 13.13
N HIS A 397 -7.82 -13.85 13.91
CA HIS A 397 -8.88 -12.91 13.56
C HIS A 397 -9.10 -11.94 14.71
N LEU A 398 -9.48 -10.70 14.34
CA LEU A 398 -9.78 -9.65 15.30
C LEU A 398 -11.14 -9.06 14.96
N VAL A 399 -12.04 -9.04 15.92
CA VAL A 399 -13.40 -8.54 15.71
C VAL A 399 -13.57 -7.24 16.48
N SER A 400 -14.01 -6.20 15.80
CA SER A 400 -14.21 -4.90 16.41
C SER A 400 -15.56 -4.86 17.13
N PRO A 401 -15.73 -3.89 18.03
CA PRO A 401 -17.05 -3.71 18.66
C PRO A 401 -18.18 -3.49 17.66
N MET A 402 -17.89 -2.97 16.47
CA MET A 402 -18.94 -2.81 15.46
C MET A 402 -19.17 -4.08 14.65
N GLY A 403 -18.54 -5.19 15.03
CA GLY A 403 -18.76 -6.47 14.41
C GLY A 403 -17.91 -6.77 13.20
N THR A 404 -16.88 -5.96 12.92
CA THR A 404 -16.08 -6.14 11.72
C THR A 404 -14.97 -7.15 12.00
N ARG A 405 -14.99 -8.27 11.30
CA ARG A 405 -14.03 -9.35 11.54
C ARG A 405 -12.86 -9.19 10.57
N SER A 406 -11.70 -8.83 11.09
CA SER A 406 -10.49 -8.71 10.28
C SER A 406 -9.68 -9.99 10.41
N THR A 407 -9.28 -10.56 9.27
CA THR A 407 -8.31 -11.65 9.28
C THR A 407 -6.93 -11.03 9.43
N LEU A 408 -6.35 -11.14 10.63
CA LEU A 408 -4.99 -10.64 10.82
C LEU A 408 -3.97 -11.58 10.20
N LEU A 409 -4.23 -12.87 10.23
CA LEU A 409 -3.29 -13.86 9.71
C LEU A 409 -4.08 -15.05 9.21
N ALA A 410 -3.92 -15.41 7.95
CA ALA A 410 -4.47 -16.66 7.45
C ALA A 410 -3.40 -17.74 7.45
N ALA A 411 -3.84 -19.00 7.41
CA ALA A 411 -2.89 -20.12 7.35
C ALA A 411 -1.88 -19.92 6.23
N ARG A 412 -0.62 -20.20 6.52
CA ARG A 412 0.45 -20.15 5.53
C ARG A 412 1.10 -21.53 5.47
N PRO A 413 0.75 -22.36 4.47
CA PRO A 413 1.22 -23.76 4.47
C PRO A 413 2.73 -23.92 4.46
N HIS A 414 3.48 -22.96 3.90
CA HIS A 414 4.93 -23.06 3.84
C HIS A 414 5.64 -22.53 5.08
N ASP A 415 4.94 -21.91 6.01
CA ASP A 415 5.56 -21.32 7.19
C ASP A 415 5.68 -22.40 8.26
N TYR A 416 6.85 -23.05 8.31
CA TYR A 416 7.14 -24.10 9.29
C TYR A 416 7.77 -23.54 10.57
N SER A 417 7.96 -22.22 10.67
CA SER A 417 8.78 -21.63 11.70
C SER A 417 8.30 -22.00 13.10
N ALA A 418 9.25 -22.25 13.99
CA ALA A 418 8.97 -22.40 15.41
C ALA A 418 9.26 -21.13 16.18
N ASP A 419 9.51 -20.01 15.49
CA ASP A 419 9.90 -18.76 16.13
C ASP A 419 8.72 -17.94 16.64
N GLY A 420 7.48 -18.30 16.29
CA GLY A 420 6.35 -17.50 16.80
C GLY A 420 6.39 -16.06 16.29
N PHE A 421 5.73 -15.18 17.05
CA PHE A 421 5.69 -13.75 16.77
C PHE A 421 6.21 -12.98 17.98
N ASN A 422 7.10 -12.02 17.71
N ASN A 422 7.10 -12.02 17.73
CA ASN A 422 7.73 -11.21 18.75
CA ASN A 422 7.70 -11.26 18.82
C ASN A 422 7.21 -9.78 18.62
C ASN A 422 7.24 -9.80 18.67
N ASP A 423 6.13 -9.48 19.35
CA ASP A 423 5.50 -8.16 19.32
C ASP A 423 5.25 -7.71 17.88
N TRP A 424 4.64 -8.60 17.10
CA TRP A 424 4.36 -8.29 15.70
C TRP A 424 3.05 -7.50 15.60
N ALA A 425 3.10 -6.35 14.93
CA ALA A 425 1.98 -5.41 14.92
C ALA A 425 1.04 -5.67 13.74
N PHE A 426 0.23 -6.74 13.85
CA PHE A 426 -0.78 -7.02 12.83
C PHE A 426 -1.72 -5.84 12.69
N MET A 427 -1.91 -5.35 11.48
CA MET A 427 -2.67 -4.12 11.29
C MET A 427 -3.92 -4.36 10.46
N THR A 428 -5.01 -3.68 10.81
CA THR A 428 -6.20 -3.72 9.98
C THR A 428 -6.69 -2.32 9.68
N THR A 429 -7.07 -2.11 8.42
CA THR A 429 -7.76 -0.92 7.95
C THR A 429 -9.26 -1.09 7.89
N HIS A 430 -9.77 -2.29 8.18
CA HIS A 430 -11.17 -2.60 7.90
C HIS A 430 -12.15 -1.95 8.87
N SER A 431 -11.67 -1.40 9.99
CA SER A 431 -12.55 -0.74 10.96
C SER A 431 -12.39 0.77 10.94
N TRP A 432 -11.75 1.29 9.88
CA TRP A 432 -11.63 2.73 9.66
C TRP A 432 -12.96 3.43 9.86
N ASP A 433 -12.94 4.51 10.64
CA ASP A 433 -14.05 5.39 11.00
C ASP A 433 -15.04 4.78 12.00
N GLU A 434 -14.83 3.54 12.47
CA GLU A 434 -15.69 2.97 13.50
C GLU A 434 -15.35 3.54 14.87
N ASP A 435 -16.35 3.54 15.75
CA ASP A 435 -16.11 3.81 17.17
C ASP A 435 -15.49 2.56 17.78
N PRO A 436 -14.30 2.64 18.37
CA PRO A 436 -13.64 1.44 18.92
C PRO A 436 -13.99 1.12 20.36
N SER A 437 -14.89 1.86 20.98
CA SER A 437 -15.31 1.55 22.34
C SER A 437 -16.11 0.25 22.35
N GLY A 438 -15.89 -0.58 23.34
CA GLY A 438 -16.68 -1.80 23.42
C GLY A 438 -15.85 -3.07 23.37
N GLU A 439 -16.49 -4.18 22.99
CA GLU A 439 -15.87 -5.50 23.08
C GLU A 439 -15.06 -5.77 21.81
N TRP A 440 -13.75 -5.97 21.99
CA TRP A 440 -12.91 -6.52 20.94
C TRP A 440 -12.72 -8.01 21.21
N VAL A 441 -12.61 -8.80 20.14
CA VAL A 441 -12.38 -10.23 20.26
C VAL A 441 -11.19 -10.62 19.39
N LEU A 442 -10.21 -11.27 20.00
CA LEU A 442 -9.09 -11.88 19.28
C LEU A 442 -9.28 -13.38 19.27
N GLU A 443 -9.16 -13.98 18.10
CA GLU A 443 -9.30 -15.41 17.92
C GLU A 443 -8.00 -15.93 17.32
N ILE A 444 -7.42 -16.95 17.96
CA ILE A 444 -6.25 -17.65 17.44
C ILE A 444 -6.62 -19.12 17.34
N GLU A 445 -6.44 -19.70 16.17
CA GLU A 445 -6.85 -21.08 15.97
C GLU A 445 -5.81 -21.86 15.19
N ASN A 446 -5.71 -23.13 15.54
CA ASN A 446 -4.91 -24.10 14.81
C ASN A 446 -5.76 -24.62 13.66
N THR A 447 -5.35 -24.32 12.43
CA THR A 447 -6.08 -24.73 11.24
C THR A 447 -5.70 -26.13 10.75
N SER A 448 -4.78 -26.81 11.44
CA SER A 448 -4.36 -28.13 11.05
C SER A 448 -4.86 -29.16 12.06
N GLU A 449 -4.74 -30.43 11.68
CA GLU A 449 -5.09 -31.53 12.58
C GLU A 449 -3.97 -31.89 13.53
N ALA A 450 -2.80 -31.27 13.41
CA ALA A 450 -1.67 -31.60 14.27
C ALA A 450 -1.91 -31.10 15.69
N ASN A 451 -1.32 -31.81 16.65
CA ASN A 451 -1.40 -31.40 18.04
C ASN A 451 -0.34 -30.34 18.26
N ASN A 452 -0.69 -29.11 17.90
CA ASN A 452 0.22 -27.99 18.04
C ASN A 452 0.08 -27.39 19.44
N TYR A 453 1.03 -26.52 19.80
CA TYR A 453 1.07 -26.01 21.16
C TYR A 453 1.82 -24.68 21.18
N GLY A 454 1.41 -23.81 22.10
CA GLY A 454 2.06 -22.53 22.26
C GLY A 454 1.31 -21.66 23.23
N THR A 455 1.83 -20.46 23.42
CA THR A 455 1.33 -19.55 24.44
C THR A 455 1.33 -18.12 23.93
N LEU A 456 0.21 -17.43 24.11
CA LEU A 456 0.12 -15.99 23.87
C LEU A 456 0.52 -15.28 25.16
N THR A 457 1.62 -14.51 25.11
CA THR A 457 2.11 -13.83 26.29
C THR A 457 1.86 -12.33 26.28
N LYS A 458 1.57 -11.72 25.13
CA LYS A 458 1.26 -10.31 25.12
C LYS A 458 0.33 -9.98 23.96
N PHE A 459 -0.69 -9.18 24.25
CA PHE A 459 -1.64 -8.69 23.25
C PHE A 459 -1.86 -7.21 23.58
N THR A 460 -1.19 -6.32 22.86
CA THR A 460 -1.43 -4.89 22.98
C THR A 460 -2.34 -4.46 21.85
N LEU A 461 -3.52 -3.96 22.18
CA LEU A 461 -4.39 -3.37 21.17
C LEU A 461 -3.99 -1.90 21.06
N VAL A 462 -3.52 -1.50 19.88
CA VAL A 462 -3.10 -0.13 19.63
C VAL A 462 -4.08 0.48 18.65
N LEU A 463 -4.78 1.53 19.10
CA LEU A 463 -5.78 2.20 18.29
C LEU A 463 -5.24 3.57 17.91
N TYR A 464 -5.41 3.93 16.64
CA TYR A 464 -5.09 5.25 16.14
C TYR A 464 -6.38 5.90 15.65
N GLY A 465 -6.48 7.22 15.80
CA GLY A 465 -7.63 7.92 15.24
C GLY A 465 -7.85 9.27 15.91
N THR A 466 -9.11 9.73 15.86
CA THR A 466 -9.49 11.05 16.32
C THR A 466 -10.78 10.95 17.10
N ALA A 467 -11.30 12.10 17.55
CA ALA A 467 -12.58 12.11 18.25
C ALA A 467 -13.54 13.13 17.64
N SER A 468 -13.48 13.34 16.33
CA SER A 468 -14.32 14.38 15.75
C SER A 468 -14.47 14.19 14.25
N GLY A 469 -15.57 14.69 13.71
CA GLY A 469 -15.70 14.87 12.27
C GLY A 469 -16.29 13.73 11.50
N SER A 470 -17.09 12.88 12.13
CA SER A 470 -17.63 11.70 11.44
C SER A 470 -18.65 12.08 10.38
N LEU A 471 -18.70 11.26 9.32
CA LEU A 471 -19.76 11.29 8.32
C LEU A 471 -20.88 10.36 8.73
N VAL A 472 -22.08 10.64 8.23
CA VAL A 472 -23.17 9.67 8.35
C VAL A 472 -22.75 8.38 7.65
N PRO A 473 -22.93 7.21 8.28
CA PRO A 473 -22.51 5.96 7.67
C PRO A 473 -23.11 5.76 6.28
N ARG A 474 -22.34 5.09 5.41
CA ARG A 474 -22.70 4.85 4.02
C ARG A 474 -23.98 4.02 3.87
C1' HY1 B 1 16.74 -10.39 2.47
C2' HY1 B 1 16.88 -9.11 2.99
C3' HY1 B 1 17.08 -8.93 4.36
C4' HY1 B 1 17.16 -10.04 5.19
C5' HY1 B 1 17.01 -11.32 4.67
C6' HY1 B 1 16.81 -11.50 3.30
CA HY1 B 1 16.53 -10.55 1.10
C HY1 B 1 15.30 -9.72 0.70
O HY1 B 1 14.19 -9.99 1.15
C CIR B 2 14.34 -8.14 -2.13
O CIR B 2 15.36 -8.29 -2.80
CA CIR B 2 14.46 -7.81 -0.65
N CIR B 2 15.54 -8.70 -0.14
C3 CIR B 2 14.79 -6.33 -0.43
C4 CIR B 2 14.84 -6.00 1.08
C5 CIR B 2 13.42 -6.02 1.68
N6 CIR B 2 13.46 -5.68 3.12
C7 CIR B 2 13.47 -6.64 4.07
O7 CIR B 2 13.43 -7.83 3.77
N8 CIR B 2 13.48 -6.26 5.35
N VAL B 3 13.10 -8.30 -2.63
CA VAL B 3 12.94 -8.66 -4.05
C VAL B 3 12.01 -7.68 -4.78
N ARG B 4 12.19 -7.62 -6.11
CA ARG B 4 11.33 -6.82 -6.98
C ARG B 4 9.94 -7.48 -6.88
N23 00S B 5 8.87 -6.66 -6.74
C16 00S B 5 7.51 -7.19 -6.55
C17 00S B 5 7.21 -7.15 -5.16
C22 00S B 5 6.57 -6.06 -4.58
C21 00S B 5 6.29 -6.03 -3.19
C24 00S B 5 6.66 -7.09 -2.35
C27 00S B 5 6.37 -7.05 -0.96
N35 00S B 5 6.92 -7.94 -0.14
N34 00S B 5 5.56 -6.09 -0.49
C19 00S B 5 7.29 -8.18 -2.94
C18 00S B 5 7.58 -8.21 -4.32
CA CA C . 24.89 5.66 -10.67
CA CA D . 4.15 9.22 -24.33
CA CA E . 4.44 -11.13 0.82
NA NA F . 0.48 0.12 4.93
NA NA G . 4.05 16.96 11.07
NA NA H . -18.98 0.70 21.19
NA NA I . -20.61 -8.66 21.64
CL CL J . 3.26 5.56 16.88
#